data_5ORE
#
_entry.id   5ORE
#
_cell.length_a   59.300
_cell.length_b   59.300
_cell.length_c   125.990
_cell.angle_alpha   90.00
_cell.angle_beta   90.00
_cell.angle_gamma   90.00
#
_symmetry.space_group_name_H-M   'P 43 21 2'
#
loop_
_entity.id
_entity.type
_entity.pdbx_description
1 polymer 'Octopine-binding periplasmic protein'
2 non-polymer 1,2-ETHANEDIOL
3 non-polymer 'CHLORIDE ION'
4 water water
#
_entity_poly.entity_id   1
_entity_poly.type   'polypeptide(L)'
_entity_poly.pdbx_seq_one_letter_code
;MQEKSITIATEGGYAPWNFSGPGGKLDGFEIDLANALCEKMKAKCQIVAQNWDGIMPSLTGKKYDAIMAAMSVTPKRQEV
IGFSIPYAAGINGFAVMGDSKLAEMPGLGETYSLDSQADAAKKAIADISSFLNGTTVGVQGSTTASTFLDKYFKGSVDIK
EYKSVEEHNLDLTSGRLDAVLANATVLAAAIEKPEMKGAKLVGPLFSGGEFGVVAVGLRKEDTALKADFDAAIKAASEDG
TIKTLSLKWFKVDVTPQHHHHHH
;
_entity_poly.pdbx_strand_id   A
#
loop_
_chem_comp.id
_chem_comp.type
_chem_comp.name
_chem_comp.formula
CL non-polymer 'CHLORIDE ION' 'Cl -1'
EDO non-polymer 1,2-ETHANEDIOL 'C2 H6 O2'
#
# COMPACT_ATOMS: atom_id res chain seq x y z
N GLN A 2 -15.12 30.03 11.08
CA GLN A 2 -14.06 29.34 11.81
C GLN A 2 -13.40 28.27 10.95
N GLU A 3 -14.11 27.13 10.75
CA GLU A 3 -13.72 25.91 10.05
C GLU A 3 -12.78 26.14 8.86
N LYS A 4 -11.70 25.36 8.81
CA LYS A 4 -10.72 25.44 7.74
C LYS A 4 -11.24 24.82 6.45
N SER A 5 -10.88 25.41 5.31
CA SER A 5 -11.24 24.94 3.99
C SER A 5 -9.93 24.60 3.26
N ILE A 6 -9.54 23.32 3.29
CA ILE A 6 -8.27 22.91 2.68
C ILE A 6 -8.47 22.08 1.41
N THR A 7 -7.61 22.30 0.40
CA THR A 7 -7.71 21.53 -0.84
C THR A 7 -6.73 20.36 -0.77
N ILE A 8 -7.24 19.15 -1.08
CA ILE A 8 -6.45 17.92 -1.14
C ILE A 8 -6.29 17.50 -2.58
N ALA A 9 -5.04 17.22 -2.98
CA ALA A 9 -4.66 16.78 -4.32
C ALA A 9 -4.40 15.28 -4.28
N THR A 10 -4.78 14.61 -5.37
CA THR A 10 -4.63 13.19 -5.62
C THR A 10 -4.33 12.95 -7.11
N GLU A 11 -3.89 11.74 -7.46
CA GLU A 11 -3.56 11.45 -8.86
C GLU A 11 -4.80 11.10 -9.68
N GLY A 12 -5.68 10.29 -9.09
CA GLY A 12 -6.90 9.81 -9.73
C GLY A 12 -6.73 8.67 -10.70
N GLY A 13 -5.58 7.99 -10.65
CA GLY A 13 -5.28 6.87 -11.55
C GLY A 13 -4.54 5.69 -10.94
N TYR A 14 -4.93 5.28 -9.72
CA TYR A 14 -4.32 4.15 -9.02
C TYR A 14 -5.39 3.45 -8.16
N ALA A 15 -6.28 2.69 -8.83
CA ALA A 15 -7.36 1.94 -8.18
C ALA A 15 -6.81 0.77 -7.39
N PRO A 16 -7.36 0.41 -6.21
CA PRO A 16 -8.51 1.01 -5.51
C PRO A 16 -8.20 2.13 -4.52
N TRP A 17 -6.99 2.74 -4.60
CA TRP A 17 -6.56 3.80 -3.68
C TRP A 17 -7.24 5.13 -4.02
N ASN A 18 -7.13 5.55 -5.28
CA ASN A 18 -7.70 6.77 -5.83
C ASN A 18 -7.91 6.56 -7.34
N PHE A 19 -9.15 6.73 -7.82
CA PHE A 19 -9.48 6.53 -9.24
C PHE A 19 -10.61 7.45 -9.70
N SER A 20 -10.59 7.77 -11.01
CA SER A 20 -11.48 8.69 -11.73
C SER A 20 -12.91 8.22 -11.92
N GLY A 21 -13.81 9.20 -12.04
CA GLY A 21 -15.25 9.04 -12.19
C GLY A 21 -15.80 9.56 -13.51
N PRO A 22 -17.15 9.59 -13.65
CA PRO A 22 -17.77 9.97 -14.94
C PRO A 22 -17.36 11.34 -15.52
N GLY A 23 -17.70 12.41 -14.83
CA GLY A 23 -17.40 13.78 -15.22
C GLY A 23 -16.28 14.35 -14.36
N GLY A 24 -16.18 13.85 -13.13
CA GLY A 24 -15.16 14.25 -12.18
C GLY A 24 -15.39 13.75 -10.76
N LYS A 25 -15.90 12.51 -10.59
CA LYS A 25 -16.15 11.95 -9.25
C LYS A 25 -15.01 11.02 -8.79
N LEU A 26 -14.19 11.52 -7.88
CA LEU A 26 -13.06 10.78 -7.33
C LEU A 26 -13.50 9.74 -6.28
N ASP A 27 -12.99 8.50 -6.39
CA ASP A 27 -13.33 7.44 -5.46
C ASP A 27 -12.14 6.62 -5.03
N GLY A 28 -12.33 5.74 -4.07
CA GLY A 28 -11.27 4.90 -3.56
C GLY A 28 -10.99 5.10 -2.09
N PHE A 29 -10.04 4.30 -1.60
CA PHE A 29 -9.63 4.23 -0.20
C PHE A 29 -9.27 5.59 0.37
N GLU A 30 -8.39 6.32 -0.36
CA GLU A 30 -7.86 7.60 0.03
C GLU A 30 -8.86 8.70 0.05
N ILE A 31 -9.93 8.58 -0.77
CA ILE A 31 -11.02 9.55 -0.87
C ILE A 31 -11.91 9.40 0.36
N ASP A 32 -12.36 8.15 0.63
CA ASP A 32 -13.14 7.84 1.82
C ASP A 32 -12.33 8.15 3.06
N LEU A 33 -11.00 7.88 3.06
CA LEU A 33 -10.14 8.24 4.20
C LEU A 33 -10.04 9.76 4.37
N ALA A 34 -9.75 10.51 3.30
CA ALA A 34 -9.70 11.99 3.36
C ALA A 34 -11.01 12.58 3.91
N ASN A 35 -12.20 12.14 3.39
CA ASN A 35 -13.52 12.56 3.91
C ASN A 35 -13.65 12.29 5.40
N ALA A 36 -13.16 11.12 5.85
CA ALA A 36 -13.19 10.72 7.26
C ALA A 36 -12.24 11.56 8.13
N LEU A 37 -11.00 11.83 7.65
CA LEU A 37 -9.99 12.63 8.38
C LEU A 37 -10.42 14.06 8.54
N CYS A 38 -11.06 14.60 7.50
CA CYS A 38 -11.57 15.96 7.45
C CYS A 38 -12.73 16.15 8.36
N GLU A 39 -13.53 15.09 8.52
CA GLU A 39 -14.61 15.14 9.47
C GLU A 39 -14.03 15.15 10.90
N LYS A 40 -12.99 14.33 11.15
CA LYS A 40 -12.30 14.26 12.44
C LYS A 40 -11.65 15.60 12.80
N MET A 41 -11.11 16.28 11.78
CA MET A 41 -10.47 17.58 11.86
C MET A 41 -11.46 18.74 12.00
N LYS A 42 -12.74 18.53 11.60
CA LYS A 42 -13.82 19.54 11.58
C LYS A 42 -13.52 20.60 10.49
N ALA A 43 -12.97 20.10 9.36
CA ALA A 43 -12.56 20.87 8.20
C ALA A 43 -13.45 20.59 6.96
N LYS A 44 -13.54 21.58 6.08
CA LYS A 44 -14.24 21.53 4.79
C LYS A 44 -13.13 21.18 3.79
N CYS A 45 -13.27 20.07 3.05
N CYS A 45 -13.31 20.11 3.00
CA CYS A 45 -12.24 19.68 2.09
CA CYS A 45 -12.27 19.72 2.07
C CYS A 45 -12.75 19.46 0.67
C CYS A 45 -12.75 19.45 0.67
N GLN A 46 -11.93 19.90 -0.30
CA GLN A 46 -12.18 19.74 -1.72
C GLN A 46 -11.09 18.80 -2.21
N ILE A 47 -11.47 17.72 -2.91
CA ILE A 47 -10.50 16.77 -3.43
C ILE A 47 -10.39 16.98 -4.94
N VAL A 48 -9.17 17.27 -5.40
CA VAL A 48 -8.92 17.53 -6.82
C VAL A 48 -7.94 16.47 -7.38
N ALA A 49 -8.21 16.00 -8.60
CA ALA A 49 -7.33 15.07 -9.31
C ALA A 49 -6.38 15.91 -10.12
N GLN A 50 -5.13 15.46 -10.24
CA GLN A 50 -4.13 16.20 -10.99
C GLN A 50 -2.99 15.34 -11.45
N ASN A 51 -2.43 15.66 -12.63
CA ASN A 51 -1.27 14.97 -13.18
C ASN A 51 -0.12 15.22 -12.19
N TRP A 52 0.53 14.14 -11.74
CA TRP A 52 1.58 14.19 -10.73
C TRP A 52 2.68 15.25 -10.99
N ASP A 53 3.04 15.50 -12.28
CA ASP A 53 4.06 16.46 -12.78
C ASP A 53 4.19 17.69 -11.89
N GLY A 54 3.11 18.46 -11.76
CA GLY A 54 3.08 19.67 -10.93
C GLY A 54 2.04 19.58 -9.84
N ILE A 55 2.27 18.71 -8.82
CA ILE A 55 1.28 18.45 -7.78
C ILE A 55 1.45 19.26 -6.43
N MET A 56 2.60 19.47 -5.72
CA MET A 56 4.07 19.44 -5.77
C MET A 56 4.50 20.92 -5.88
N PRO A 57 4.74 21.57 -7.06
CA PRO A 57 4.94 23.03 -7.05
C PRO A 57 3.62 23.72 -6.70
N SER A 58 2.47 23.06 -7.02
CA SER A 58 1.11 23.51 -6.74
C SER A 58 0.83 23.50 -5.23
N LEU A 59 1.44 22.55 -4.49
CA LEU A 59 1.32 22.46 -3.03
C LEU A 59 2.22 23.52 -2.36
N THR A 60 3.45 23.70 -2.84
CA THR A 60 4.38 24.71 -2.29
C THR A 60 3.93 26.13 -2.70
N GLY A 61 3.13 26.23 -3.76
CA GLY A 61 2.56 27.48 -4.26
C GLY A 61 1.25 27.89 -3.60
N LYS A 62 0.77 27.06 -2.65
CA LYS A 62 -0.46 27.21 -1.84
C LYS A 62 -1.79 27.02 -2.64
N LYS A 63 -1.72 26.44 -3.86
CA LYS A 63 -2.92 26.07 -4.65
C LYS A 63 -3.56 24.88 -3.91
N TYR A 64 -2.72 23.92 -3.46
CA TYR A 64 -3.14 22.75 -2.68
C TYR A 64 -2.53 22.85 -1.31
N ASP A 65 -3.19 22.23 -0.31
CA ASP A 65 -2.74 22.27 1.07
C ASP A 65 -2.25 20.92 1.58
N ALA A 66 -2.66 19.83 0.91
CA ALA A 66 -2.35 18.43 1.27
C ALA A 66 -2.34 17.55 0.04
N ILE A 67 -1.55 16.45 0.07
CA ILE A 67 -1.47 15.43 -0.98
C ILE A 67 -1.80 14.04 -0.40
N MET A 68 -2.75 13.33 -1.03
CA MET A 68 -3.10 11.97 -0.65
C MET A 68 -3.14 11.15 -1.91
N ALA A 69 -1.96 10.62 -2.33
CA ALA A 69 -1.84 9.86 -3.57
C ALA A 69 -0.87 8.68 -3.41
N ALA A 70 -1.10 7.80 -2.41
CA ALA A 70 -0.25 6.64 -2.09
C ALA A 70 1.27 7.03 -2.09
N MET A 71 1.56 8.22 -1.51
CA MET A 71 2.87 8.85 -1.44
C MET A 71 3.71 8.32 -0.29
N SER A 72 4.76 7.55 -0.64
CA SER A 72 5.72 6.98 0.30
C SER A 72 6.59 8.05 0.93
N VAL A 73 6.82 7.91 2.24
CA VAL A 73 7.67 8.76 3.06
C VAL A 73 9.08 8.32 2.70
N THR A 74 9.95 9.26 2.27
CA THR A 74 11.33 8.95 1.89
C THR A 74 12.26 10.01 2.44
N PRO A 75 13.57 9.75 2.63
CA PRO A 75 14.45 10.82 3.15
C PRO A 75 14.51 12.07 2.25
N LYS A 76 14.37 11.88 0.92
CA LYS A 76 14.44 12.97 -0.06
C LYS A 76 13.23 13.88 -0.03
N ARG A 77 12.05 13.29 0.08
CA ARG A 77 10.80 14.04 0.16
C ARG A 77 10.71 14.84 1.45
N GLN A 78 11.28 14.31 2.55
CA GLN A 78 11.29 14.96 3.87
C GLN A 78 12.15 16.22 3.92
N GLU A 79 13.09 16.37 2.96
CA GLU A 79 13.97 17.54 2.88
C GLU A 79 13.20 18.75 2.30
N VAL A 80 12.28 18.47 1.33
CA VAL A 80 11.48 19.46 0.60
C VAL A 80 10.05 19.65 1.16
N ILE A 81 9.36 18.56 1.58
CA ILE A 81 8.00 18.69 2.13
C ILE A 81 7.85 18.09 3.52
N GLY A 82 6.76 18.46 4.15
CA GLY A 82 6.35 17.91 5.44
C GLY A 82 5.52 16.68 5.18
N PHE A 83 5.42 15.81 6.18
CA PHE A 83 4.63 14.60 6.13
C PHE A 83 3.85 14.42 7.40
N SER A 84 2.65 13.91 7.28
CA SER A 84 1.84 13.53 8.43
C SER A 84 2.42 12.20 8.93
N ILE A 85 1.88 11.66 10.04
CA ILE A 85 2.21 10.30 10.49
C ILE A 85 1.56 9.35 9.47
N PRO A 86 2.11 8.12 9.26
CA PRO A 86 1.54 7.22 8.26
C PRO A 86 0.08 6.83 8.47
N TYR A 87 -0.68 6.67 7.38
CA TYR A 87 -2.05 6.21 7.43
C TYR A 87 -2.21 4.80 6.78
N ALA A 88 -1.14 4.32 6.14
CA ALA A 88 -1.09 3.02 5.53
C ALA A 88 0.35 2.50 5.53
N ALA A 89 0.52 1.21 5.80
CA ALA A 89 1.85 0.59 5.79
C ALA A 89 1.91 -0.40 4.66
N GLY A 90 3.09 -0.56 4.05
CA GLY A 90 3.29 -1.48 2.93
C GLY A 90 3.16 -2.93 3.32
N ILE A 91 2.36 -3.69 2.58
CA ILE A 91 2.12 -5.10 2.87
C ILE A 91 2.35 -5.95 1.63
N ASN A 92 3.19 -7.00 1.76
CA ASN A 92 3.45 -7.91 0.65
C ASN A 92 3.02 -9.32 0.99
N GLY A 93 2.54 -10.02 -0.02
CA GLY A 93 2.10 -11.40 0.09
C GLY A 93 2.26 -12.20 -1.20
N PHE A 94 2.16 -13.51 -1.09
CA PHE A 94 2.26 -14.46 -2.21
C PHE A 94 0.88 -14.84 -2.74
N ALA A 95 0.82 -15.05 -4.06
CA ALA A 95 -0.37 -15.57 -4.75
C ALA A 95 0.07 -16.73 -5.61
N VAL A 96 -0.69 -17.83 -5.56
CA VAL A 96 -0.45 -19.02 -6.39
C VAL A 96 -1.77 -19.43 -7.04
N MET A 97 -1.80 -20.50 -7.85
CA MET A 97 -3.04 -21.02 -8.42
C MET A 97 -3.55 -22.05 -7.40
N GLY A 98 -4.84 -21.97 -7.07
CA GLY A 98 -5.50 -22.85 -6.09
C GLY A 98 -5.43 -24.34 -6.36
N ASP A 99 -5.45 -24.75 -7.66
CA ASP A 99 -5.37 -26.16 -8.08
C ASP A 99 -3.94 -26.74 -7.96
N SER A 100 -2.95 -25.90 -7.59
CA SER A 100 -1.55 -26.28 -7.42
C SER A 100 -1.31 -26.78 -6.00
N LYS A 101 -0.29 -27.65 -5.81
CA LYS A 101 0.12 -28.21 -4.52
C LYS A 101 0.69 -27.14 -3.58
N LEU A 102 1.11 -25.99 -4.16
CA LEU A 102 1.65 -24.83 -3.46
C LEU A 102 0.59 -24.00 -2.75
N ALA A 103 -0.71 -24.19 -3.09
CA ALA A 103 -1.86 -23.47 -2.50
C ALA A 103 -2.10 -23.75 -1.02
N GLU A 104 -1.28 -24.60 -0.38
CA GLU A 104 -1.47 -24.84 1.04
C GLU A 104 -0.19 -24.64 1.86
N MET A 105 0.13 -23.36 2.08
CA MET A 105 1.18 -22.88 2.98
C MET A 105 0.27 -22.49 4.16
N PRO A 106 0.20 -23.30 5.26
CA PRO A 106 -0.75 -22.98 6.35
C PRO A 106 -0.47 -21.68 7.13
N GLY A 107 0.46 -20.87 6.60
CA GLY A 107 0.82 -19.56 7.14
C GLY A 107 -0.27 -18.52 6.94
N LEU A 108 -1.47 -18.98 6.54
CA LEU A 108 -2.67 -18.19 6.29
C LEU A 108 -3.55 -18.17 7.57
N GLY A 109 -4.08 -17.02 7.96
CA GLY A 109 -3.85 -15.72 7.35
C GLY A 109 -3.01 -14.83 8.26
N GLU A 110 -1.82 -15.34 8.64
CA GLU A 110 -0.87 -14.63 9.51
C GLU A 110 -0.34 -13.33 8.89
N THR A 111 -0.01 -12.35 9.74
CA THR A 111 0.49 -11.02 9.36
C THR A 111 1.66 -10.68 10.31
N TYR A 112 2.88 -10.53 9.75
CA TYR A 112 4.09 -10.29 10.51
C TYR A 112 4.80 -8.97 10.16
N SER A 113 5.07 -8.14 11.17
CA SER A 113 5.83 -6.89 11.02
C SER A 113 7.31 -7.24 10.99
N LEU A 114 8.06 -6.64 10.06
CA LEU A 114 9.50 -6.89 9.91
C LEU A 114 10.31 -6.09 10.93
N ASP A 115 9.64 -5.12 11.57
CA ASP A 115 10.18 -4.24 12.59
C ASP A 115 9.88 -4.72 14.00
N SER A 116 8.61 -5.07 14.32
CA SER A 116 8.25 -5.47 15.70
C SER A 116 8.08 -7.00 15.94
N GLN A 117 8.04 -7.81 14.88
CA GLN A 117 7.87 -9.26 14.96
C GLN A 117 8.86 -9.97 14.00
N ALA A 118 10.09 -9.43 13.84
CA ALA A 118 11.11 -9.98 12.93
C ALA A 118 11.45 -11.46 13.16
N ASP A 119 11.35 -11.92 14.42
CA ASP A 119 11.57 -13.29 14.91
C ASP A 119 10.57 -14.26 14.25
N ALA A 120 9.28 -13.88 14.28
CA ALA A 120 8.18 -14.60 13.70
C ALA A 120 8.26 -14.52 12.18
N ALA A 121 8.73 -13.38 11.66
CA ALA A 121 8.90 -13.12 10.24
C ALA A 121 10.01 -13.99 9.63
N LYS A 122 11.20 -14.04 10.27
CA LYS A 122 12.38 -14.81 9.84
C LYS A 122 12.13 -16.34 9.86
N LYS A 123 11.31 -16.82 10.81
CA LYS A 123 10.89 -18.22 10.99
C LYS A 123 9.91 -18.59 9.85
N ALA A 124 8.97 -17.65 9.53
CA ALA A 124 7.99 -17.82 8.48
C ALA A 124 8.65 -17.84 7.10
N ILE A 125 9.58 -16.89 6.79
CA ILE A 125 10.25 -16.86 5.47
C ILE A 125 11.08 -18.15 5.24
N ALA A 126 11.60 -18.77 6.34
CA ALA A 126 12.36 -20.02 6.28
C ALA A 126 11.42 -21.18 5.86
N ASP A 127 10.20 -21.25 6.47
CA ASP A 127 9.14 -22.24 6.17
C ASP A 127 8.79 -22.17 4.67
N ILE A 128 8.62 -20.93 4.17
CA ILE A 128 8.31 -20.58 2.78
C ILE A 128 9.46 -20.94 1.83
N SER A 129 10.70 -20.47 2.09
CA SER A 129 11.88 -20.74 1.24
C SER A 129 12.09 -22.23 0.89
N SER A 130 11.74 -23.14 1.82
CA SER A 130 11.85 -24.59 1.60
C SER A 130 10.60 -25.19 0.93
N PHE A 131 9.42 -24.52 1.07
CA PHE A 131 8.16 -24.94 0.43
C PHE A 131 8.23 -24.54 -1.05
N LEU A 132 8.75 -23.34 -1.30
CA LEU A 132 8.96 -22.72 -2.61
C LEU A 132 10.33 -23.14 -3.24
N ASN A 133 11.10 -23.98 -2.52
CA ASN A 133 12.41 -24.52 -2.94
C ASN A 133 12.37 -25.06 -4.39
N GLY A 134 13.15 -24.40 -5.27
CA GLY A 134 13.27 -24.73 -6.68
C GLY A 134 12.25 -24.08 -7.61
N THR A 135 11.18 -23.46 -7.07
CA THR A 135 10.12 -22.83 -7.89
C THR A 135 10.58 -21.54 -8.58
N THR A 136 9.85 -21.13 -9.64
CA THR A 136 10.06 -19.89 -10.37
C THR A 136 9.01 -18.90 -9.83
N VAL A 137 9.50 -17.88 -9.11
CA VAL A 137 8.69 -16.83 -8.49
C VAL A 137 8.83 -15.52 -9.28
N GLY A 138 7.68 -14.95 -9.64
CA GLY A 138 7.57 -13.70 -10.36
C GLY A 138 7.40 -12.50 -9.43
N VAL A 139 7.84 -11.31 -9.91
CA VAL A 139 7.81 -10.03 -9.21
C VAL A 139 7.96 -8.85 -10.18
N GLN A 140 7.37 -7.68 -9.86
CA GLN A 140 7.54 -6.48 -10.67
C GLN A 140 8.88 -5.86 -10.30
N GLY A 141 9.74 -5.68 -11.29
CA GLY A 141 11.08 -5.11 -11.12
C GLY A 141 11.04 -3.69 -10.60
N SER A 142 12.05 -3.33 -9.79
CA SER A 142 12.25 -2.01 -9.16
C SER A 142 11.15 -1.69 -8.13
N THR A 143 10.93 -2.59 -7.15
CA THR A 143 9.93 -2.45 -6.07
C THR A 143 10.48 -2.99 -4.75
N THR A 144 9.74 -2.80 -3.64
CA THR A 144 10.09 -3.28 -2.29
C THR A 144 9.99 -4.80 -2.24
N ALA A 145 9.06 -5.37 -3.03
CA ALA A 145 8.82 -6.82 -3.19
C ALA A 145 9.97 -7.47 -3.99
N SER A 146 10.56 -6.70 -4.94
CA SER A 146 11.71 -7.12 -5.75
C SER A 146 12.95 -7.21 -4.89
N THR A 147 13.12 -6.23 -3.97
CA THR A 147 14.22 -6.12 -3.02
C THR A 147 14.12 -7.19 -1.93
N PHE A 148 12.89 -7.43 -1.44
CA PHE A 148 12.58 -8.40 -0.39
C PHE A 148 12.89 -9.80 -0.88
N LEU A 149 12.51 -10.12 -2.14
CA LEU A 149 12.71 -11.41 -2.80
C LEU A 149 14.18 -11.67 -3.06
N ASP A 150 14.96 -10.60 -3.31
CA ASP A 150 16.41 -10.67 -3.54
C ASP A 150 17.14 -10.97 -2.23
N LYS A 151 16.79 -10.25 -1.16
CA LYS A 151 17.41 -10.37 0.17
C LYS A 151 17.15 -11.70 0.87
N TYR A 152 15.90 -12.21 0.80
CA TYR A 152 15.49 -13.42 1.52
C TYR A 152 15.22 -14.66 0.71
N PHE A 153 14.87 -14.52 -0.58
CA PHE A 153 14.48 -15.69 -1.35
C PHE A 153 15.42 -15.99 -2.56
N LYS A 154 16.57 -15.29 -2.66
CA LYS A 154 17.57 -15.55 -3.70
C LYS A 154 18.30 -16.86 -3.33
N GLY A 155 18.53 -17.70 -4.33
CA GLY A 155 19.17 -19.00 -4.12
C GLY A 155 18.20 -20.16 -3.95
N SER A 156 17.10 -19.90 -3.20
CA SER A 156 16.01 -20.84 -2.91
C SER A 156 15.02 -20.97 -4.08
N VAL A 157 14.78 -19.85 -4.79
CA VAL A 157 13.85 -19.76 -5.93
C VAL A 157 14.53 -19.13 -7.15
N ASP A 158 13.91 -19.27 -8.32
CA ASP A 158 14.33 -18.59 -9.55
C ASP A 158 13.45 -17.32 -9.53
N ILE A 159 14.07 -16.13 -9.67
CA ILE A 159 13.38 -14.82 -9.64
C ILE A 159 13.26 -14.23 -11.06
N LYS A 160 12.02 -13.95 -11.50
CA LYS A 160 11.77 -13.35 -12.83
C LYS A 160 11.13 -11.98 -12.66
N GLU A 161 11.84 -10.91 -13.06
CA GLU A 161 11.35 -9.54 -12.94
C GLU A 161 10.47 -9.13 -14.12
N TYR A 162 9.38 -8.40 -13.83
CA TYR A 162 8.42 -7.94 -14.83
C TYR A 162 8.25 -6.42 -14.79
N LYS A 163 7.66 -5.82 -15.83
CA LYS A 163 7.46 -4.36 -15.87
C LYS A 163 6.04 -3.92 -15.40
N SER A 164 5.16 -4.90 -15.10
CA SER A 164 3.80 -4.69 -14.60
C SER A 164 3.33 -5.90 -13.80
N VAL A 165 2.41 -5.67 -12.84
CA VAL A 165 1.83 -6.74 -12.02
C VAL A 165 0.98 -7.68 -12.91
N GLU A 166 0.20 -7.12 -13.85
CA GLU A 166 -0.65 -7.83 -14.81
C GLU A 166 0.13 -8.83 -15.65
N GLU A 167 1.37 -8.46 -16.06
CA GLU A 167 2.21 -9.34 -16.87
C GLU A 167 2.72 -10.55 -16.10
N HIS A 168 3.03 -10.39 -14.79
CA HIS A 168 3.49 -11.54 -13.99
C HIS A 168 2.31 -12.41 -13.55
N ASN A 169 1.12 -11.81 -13.44
CA ASN A 169 -0.11 -12.47 -13.06
C ASN A 169 -0.64 -13.34 -14.19
N LEU A 170 -0.40 -12.90 -15.45
CA LEU A 170 -0.79 -13.61 -16.68
C LEU A 170 0.08 -14.85 -16.89
N ASP A 171 1.34 -14.82 -16.40
CA ASP A 171 2.29 -15.93 -16.52
C ASP A 171 2.15 -16.91 -15.35
N LEU A 172 1.39 -16.54 -14.32
CA LEU A 172 1.11 -17.40 -13.16
C LEU A 172 -0.02 -18.38 -13.54
N THR A 173 -1.08 -17.87 -14.21
CA THR A 173 -2.22 -18.66 -14.68
C THR A 173 -1.81 -19.67 -15.76
N SER A 174 -0.79 -19.31 -16.60
CA SER A 174 -0.23 -20.15 -17.68
C SER A 174 0.55 -21.35 -17.15
N GLY A 175 1.25 -21.16 -16.02
CA GLY A 175 2.11 -22.17 -15.41
C GLY A 175 3.57 -21.83 -15.53
N ARG A 176 3.90 -20.75 -16.31
CA ARG A 176 5.25 -20.21 -16.54
C ARG A 176 5.93 -19.85 -15.23
N LEU A 177 5.13 -19.35 -14.28
CA LEU A 177 5.52 -19.00 -12.92
C LEU A 177 4.67 -19.87 -11.99
N ASP A 178 5.22 -20.23 -10.82
CA ASP A 178 4.53 -21.05 -9.82
C ASP A 178 3.94 -20.18 -8.68
N ALA A 179 4.54 -18.99 -8.44
CA ALA A 179 4.12 -18.02 -7.42
C ALA A 179 4.49 -16.61 -7.83
N VAL A 180 3.70 -15.64 -7.35
CA VAL A 180 3.98 -14.22 -7.51
C VAL A 180 4.05 -13.61 -6.11
N LEU A 181 4.87 -12.58 -5.94
CA LEU A 181 4.95 -11.83 -4.69
C LEU A 181 4.71 -10.38 -5.08
N ALA A 182 3.77 -9.74 -4.42
CA ALA A 182 3.40 -8.38 -4.78
C ALA A 182 2.76 -7.66 -3.59
N ASN A 183 2.52 -6.33 -3.74
CA ASN A 183 1.83 -5.54 -2.73
C ASN A 183 0.45 -6.17 -2.57
N ALA A 184 0.08 -6.55 -1.34
CA ALA A 184 -1.19 -7.23 -1.03
C ALA A 184 -2.47 -6.46 -1.47
N THR A 185 -2.43 -5.12 -1.55
CA THR A 185 -3.57 -4.30 -2.00
C THR A 185 -3.74 -4.44 -3.53
N VAL A 186 -2.61 -4.57 -4.23
CA VAL A 186 -2.52 -4.71 -5.68
C VAL A 186 -2.93 -6.14 -6.05
N LEU A 187 -2.41 -7.09 -5.27
CA LEU A 187 -2.63 -8.52 -5.48
C LEU A 187 -4.08 -8.94 -5.26
N ALA A 188 -4.70 -8.49 -4.16
CA ALA A 188 -6.12 -8.85 -3.88
C ALA A 188 -7.09 -8.32 -4.93
N ALA A 189 -6.78 -7.15 -5.50
CA ALA A 189 -7.56 -6.49 -6.54
C ALA A 189 -7.42 -7.26 -7.86
N ALA A 190 -6.17 -7.54 -8.27
CA ALA A 190 -5.84 -8.27 -9.49
C ALA A 190 -6.49 -9.66 -9.55
N ILE A 191 -6.55 -10.39 -8.41
CA ILE A 191 -7.14 -11.75 -8.36
C ILE A 191 -8.69 -11.70 -8.46
N GLU A 192 -9.30 -10.50 -8.56
CA GLU A 192 -10.75 -10.31 -8.71
C GLU A 192 -11.15 -10.24 -10.19
N LYS A 193 -10.15 -10.07 -11.07
CA LYS A 193 -10.30 -10.05 -12.53
C LYS A 193 -10.77 -11.43 -13.00
N PRO A 194 -11.68 -11.50 -14.02
CA PRO A 194 -12.22 -12.80 -14.43
C PRO A 194 -11.20 -13.76 -15.02
N GLU A 195 -10.22 -13.26 -15.80
CA GLU A 195 -9.14 -14.08 -16.40
C GLU A 195 -8.07 -14.45 -15.35
N MET A 196 -8.39 -14.18 -14.07
CA MET A 196 -7.55 -14.43 -12.92
C MET A 196 -8.23 -15.39 -11.93
N LYS A 197 -9.36 -16.01 -12.35
CA LYS A 197 -10.10 -16.99 -11.56
C LYS A 197 -9.24 -18.27 -11.33
N GLY A 198 -9.16 -18.71 -10.07
CA GLY A 198 -8.36 -19.86 -9.67
C GLY A 198 -7.19 -19.46 -8.81
N ALA A 199 -6.69 -18.23 -9.02
CA ALA A 199 -5.60 -17.64 -8.26
C ALA A 199 -6.11 -17.18 -6.89
N LYS A 200 -5.29 -17.43 -5.83
CA LYS A 200 -5.60 -17.03 -4.46
C LYS A 200 -4.37 -16.57 -3.67
N LEU A 201 -4.61 -15.70 -2.68
CA LEU A 201 -3.62 -15.17 -1.74
C LEU A 201 -3.23 -16.26 -0.75
N VAL A 202 -1.93 -16.63 -0.72
CA VAL A 202 -1.41 -17.72 0.13
C VAL A 202 -0.22 -17.27 1.01
N GLY A 203 -0.05 -17.97 2.14
CA GLY A 203 0.99 -17.72 3.11
C GLY A 203 0.73 -16.48 3.96
N PRO A 204 1.74 -16.00 4.71
CA PRO A 204 1.50 -14.82 5.56
C PRO A 204 1.67 -13.50 4.85
N LEU A 205 1.16 -12.43 5.48
CA LEU A 205 1.28 -11.05 5.03
C LEU A 205 2.48 -10.42 5.74
N PHE A 206 3.34 -9.77 4.97
CA PHE A 206 4.52 -9.14 5.55
C PHE A 206 4.40 -7.64 5.48
N SER A 207 4.52 -6.99 6.63
CA SER A 207 4.50 -5.52 6.75
C SER A 207 5.82 -5.10 7.38
N GLY A 208 6.22 -3.87 7.15
CA GLY A 208 7.46 -3.38 7.71
C GLY A 208 7.87 -2.11 7.04
N GLY A 209 8.84 -1.45 7.66
CA GLY A 209 9.40 -0.18 7.19
C GLY A 209 10.09 -0.28 5.85
N GLU A 210 10.74 -1.45 5.55
CA GLU A 210 11.41 -1.70 4.28
C GLU A 210 10.41 -1.74 3.10
N PHE A 211 9.12 -2.05 3.39
CA PHE A 211 8.04 -2.00 2.40
C PHE A 211 7.49 -0.60 2.26
N GLY A 212 8.02 0.32 3.07
CA GLY A 212 7.60 1.70 3.09
C GLY A 212 6.27 1.90 3.80
N VAL A 213 5.93 3.17 3.98
CA VAL A 213 4.69 3.63 4.60
C VAL A 213 4.20 4.86 3.80
N VAL A 214 2.87 5.01 3.73
CA VAL A 214 2.20 6.12 3.05
C VAL A 214 1.67 7.16 4.05
N ALA A 215 1.87 8.46 3.76
CA ALA A 215 1.40 9.57 4.60
C ALA A 215 0.93 10.79 3.78
N VAL A 216 0.35 11.77 4.45
CA VAL A 216 -0.14 12.99 3.82
C VAL A 216 1.06 13.95 3.57
N GLY A 217 1.20 14.39 2.34
CA GLY A 217 2.24 15.34 1.93
C GLY A 217 1.74 16.74 2.15
N LEU A 218 2.49 17.51 2.93
CA LEU A 218 2.09 18.88 3.30
C LEU A 218 3.27 19.81 3.14
N ARG A 219 3.01 21.14 3.19
CA ARG A 219 4.06 22.17 3.16
C ARG A 219 4.89 21.98 4.42
N LYS A 220 6.22 22.00 4.27
CA LYS A 220 7.16 21.84 5.38
C LYS A 220 6.91 22.87 6.51
N GLU A 221 6.43 24.08 6.15
CA GLU A 221 6.12 25.17 7.09
C GLU A 221 4.75 25.03 7.77
N ASP A 222 3.79 24.29 7.15
CA ASP A 222 2.44 24.06 7.68
C ASP A 222 2.44 23.03 8.82
N THR A 223 2.98 23.45 9.98
CA THR A 223 3.10 22.65 11.19
C THR A 223 1.75 22.41 11.87
N ALA A 224 0.82 23.39 11.78
CA ALA A 224 -0.53 23.30 12.35
C ALA A 224 -1.40 22.29 11.59
N LEU A 225 -1.30 22.29 10.24
CA LEU A 225 -2.03 21.32 9.41
C LEU A 225 -1.52 19.89 9.67
N LYS A 226 -0.19 19.73 9.89
CA LYS A 226 0.42 18.43 10.25
C LYS A 226 -0.13 17.99 11.61
N ALA A 227 -0.23 18.91 12.58
CA ALA A 227 -0.79 18.65 13.91
C ALA A 227 -2.26 18.18 13.83
N ASP A 228 -3.05 18.79 12.93
CA ASP A 228 -4.45 18.44 12.65
C ASP A 228 -4.58 17.05 12.01
N PHE A 229 -3.76 16.76 10.98
CA PHE A 229 -3.76 15.47 10.31
C PHE A 229 -3.29 14.36 11.22
N ASP A 230 -2.24 14.64 12.03
CA ASP A 230 -1.65 13.69 12.98
C ASP A 230 -2.63 13.26 14.06
N ALA A 231 -3.46 14.19 14.56
CA ALA A 231 -4.47 13.92 15.57
C ALA A 231 -5.61 13.07 15.00
N ALA A 232 -6.06 13.41 13.79
CA ALA A 232 -7.12 12.69 13.08
C ALA A 232 -6.65 11.29 12.65
N ILE A 233 -5.41 11.16 12.12
CA ILE A 233 -4.85 9.85 11.71
C ILE A 233 -4.75 8.93 12.91
N LYS A 234 -4.27 9.46 14.06
CA LYS A 234 -4.16 8.75 15.34
C LYS A 234 -5.55 8.23 15.77
N ALA A 235 -6.56 9.13 15.81
CA ALA A 235 -7.93 8.75 16.18
C ALA A 235 -8.55 7.72 15.21
N ALA A 236 -8.30 7.87 13.89
CA ALA A 236 -8.77 6.96 12.83
C ALA A 236 -8.13 5.58 12.93
N SER A 237 -6.90 5.52 13.45
CA SER A 237 -6.18 4.27 13.66
C SER A 237 -6.75 3.52 14.86
N GLU A 238 -6.99 4.24 15.99
CA GLU A 238 -7.48 3.63 17.22
C GLU A 238 -8.96 3.23 17.17
N ASP A 239 -9.85 3.99 16.47
CA ASP A 239 -11.29 3.62 16.41
C ASP A 239 -11.62 2.59 15.25
N GLY A 240 -10.59 2.18 14.52
CA GLY A 240 -10.71 1.20 13.44
C GLY A 240 -11.31 1.69 12.15
N THR A 241 -11.35 3.04 11.93
CA THR A 241 -11.83 3.66 10.70
C THR A 241 -10.93 3.24 9.51
N ILE A 242 -9.60 3.17 9.72
CA ILE A 242 -8.64 2.78 8.68
C ILE A 242 -8.80 1.28 8.34
N LYS A 243 -8.88 0.41 9.36
CA LYS A 243 -9.06 -1.03 9.18
C LYS A 243 -10.31 -1.30 8.31
N THR A 244 -11.42 -0.58 8.59
CA THR A 244 -12.72 -0.66 7.92
C THR A 244 -12.60 -0.34 6.44
N LEU A 245 -12.10 0.86 6.13
CA LEU A 245 -11.89 1.33 4.76
C LEU A 245 -10.89 0.47 4.01
N SER A 246 -9.81 0.08 4.69
CA SER A 246 -8.75 -0.79 4.17
C SER A 246 -9.36 -2.11 3.70
N LEU A 247 -10.13 -2.81 4.58
CA LEU A 247 -10.78 -4.08 4.24
C LEU A 247 -11.86 -3.93 3.17
N LYS A 248 -12.58 -2.80 3.15
CA LYS A 248 -13.63 -2.47 2.18
C LYS A 248 -13.09 -2.42 0.74
N TRP A 249 -12.00 -1.68 0.52
CA TRP A 249 -11.36 -1.46 -0.76
C TRP A 249 -10.32 -2.48 -1.14
N PHE A 250 -9.53 -2.97 -0.17
CA PHE A 250 -8.38 -3.82 -0.45
C PHE A 250 -8.47 -5.28 -0.01
N LYS A 251 -9.44 -5.66 0.84
CA LYS A 251 -9.56 -7.02 1.39
C LYS A 251 -8.36 -7.39 2.32
N VAL A 252 -7.51 -6.38 2.66
CA VAL A 252 -6.34 -6.49 3.56
C VAL A 252 -6.31 -5.23 4.46
N ASP A 253 -5.74 -5.34 5.68
CA ASP A 253 -5.66 -4.24 6.64
C ASP A 253 -4.28 -3.55 6.60
N VAL A 254 -4.25 -2.27 6.13
CA VAL A 254 -3.04 -1.44 5.95
C VAL A 254 -2.69 -0.58 7.14
N THR A 255 -3.55 -0.51 8.18
CA THR A 255 -3.34 0.35 9.35
C THR A 255 -1.91 0.22 9.87
N PRO A 256 -1.13 1.33 9.95
CA PRO A 256 0.26 1.22 10.45
C PRO A 256 0.36 0.98 11.96
N GLN A 257 1.61 0.93 12.45
CA GLN A 257 1.98 0.70 13.85
C GLN A 257 2.45 1.97 14.57
N HIS A 258 2.51 1.88 15.91
CA HIS A 258 2.88 2.94 16.83
C HIS A 258 4.28 3.50 16.62
N HIS A 259 5.31 2.63 16.39
CA HIS A 259 6.71 3.06 16.24
C HIS A 259 6.94 4.09 15.12
N HIS A 260 6.01 4.20 14.13
CA HIS A 260 6.07 5.22 13.07
C HIS A 260 5.36 6.51 13.56
N HIS A 261 5.76 6.99 14.75
CA HIS A 261 5.22 8.16 15.45
C HIS A 261 5.96 9.49 15.14
N HIS A 262 5.63 10.54 15.94
CA HIS A 262 6.18 11.89 15.96
C HIS A 262 7.72 11.88 16.08
C1 EDO B . -18.62 30.04 11.25
O1 EDO B . -17.93 30.47 12.43
C2 EDO B . -19.56 31.17 10.72
O2 EDO B . -20.40 30.70 9.64
CL CL C . -18.24 5.04 -1.68
CL CL D . -5.59 28.51 0.23
CL CL E . -0.09 5.96 12.76
#